data_1N6B
#
_entry.id   1N6B
#
_cell.length_a   74.330
_cell.length_b   134.290
_cell.length_c   171.840
_cell.angle_alpha   90.00
_cell.angle_beta   90.00
_cell.angle_gamma   90.00
#
_symmetry.space_group_name_H-M   'I 2 2 2'
#
loop_
_entity.id
_entity.type
_entity.pdbx_description
1 polymer 'Cytochrome P450 2C5'
2 non-polymer 'SULFATE ION'
3 non-polymer 'PROTOPORPHYRIN IX CONTAINING FE'
4 non-polymer 4-METHYL-N-METHYL-N-(2-PHENYL-2H-PYRAZOL-3-YL)BENZENESULFONAMIDE
5 water water
#
_entity_poly.entity_id   1
_entity_poly.type   'polypeptide(L)'
_entity_poly.pdbx_seq_one_letter_code
;MAKKTSSKGKLPPGPTPFPIIGNILQIDAKDISKSLTKFSECYGPVFTVYLGMKPTVVLHGYEAVKEALVDLGEEFAGRG
SVPILEKVSKGLGIAFSNAKTWKEMRRFSLMTLRNFGMGKRSIEDRIQEEARCLVEELRKTNASPCDPTFILGCAPCNVI
CSVIFHNRFDYKDEEFLKLMESLHENVELLGTPWLQVYNNFPALLDYFPGIHKTLLKNADYIKNFIMEKVKEHQKLLDVN
NPRDFIDCFLIKMEQENNLEFTLESLVIAVSDLFGAGTETTSTTLRYSLLLLLKHPEVAARVQEEIERVIGRHRSPCMQD
RSRMPYTDAVIHEIQRFIDLLPTNLPHAVTRDVRFRNYFIPKGTDIITSLTSVLHDEKAFPNPKVFDPGHFLDESGNFKK
SDYFMPFSAGKRMCVGEGLARMELFLFLTSILQNFKLQSLVEPKDLDITAVVNGFVSVPPSYQLCFIPIHHHH
;
_entity_poly.pdbx_strand_id   A
#
# COMPACT_ATOMS: atom_id res chain seq x y z
N GLY A 9 -27.05 -16.85 -16.56
CA GLY A 9 -25.90 -17.79 -16.64
C GLY A 9 -25.44 -18.36 -15.30
N LYS A 10 -25.89 -17.73 -14.21
CA LYS A 10 -25.55 -18.14 -12.83
C LYS A 10 -24.12 -17.76 -12.36
N LEU A 11 -23.94 -17.77 -11.04
CA LEU A 11 -22.67 -17.47 -10.40
C LEU A 11 -21.71 -18.65 -10.52
N PRO A 12 -20.39 -18.39 -10.43
CA PRO A 12 -19.36 -19.42 -10.54
C PRO A 12 -19.47 -20.46 -9.43
N PRO A 13 -18.89 -21.67 -9.65
CA PRO A 13 -18.90 -22.77 -8.69
C PRO A 13 -18.11 -22.40 -7.44
N GLY A 14 -17.66 -23.40 -6.70
CA GLY A 14 -16.89 -23.11 -5.51
C GLY A 14 -17.30 -23.97 -4.35
N PRO A 15 -16.62 -23.83 -3.20
CA PRO A 15 -16.95 -24.64 -2.03
C PRO A 15 -18.44 -24.51 -1.75
N THR A 16 -19.17 -25.59 -2.02
CA THR A 16 -20.62 -25.69 -1.84
C THR A 16 -21.08 -24.81 -0.66
N PRO A 17 -21.95 -23.82 -0.93
CA PRO A 17 -22.44 -22.91 0.10
C PRO A 17 -23.14 -23.52 1.32
N PHE A 18 -22.44 -23.54 2.45
CA PHE A 18 -23.06 -24.06 3.67
C PHE A 18 -24.07 -23.01 4.10
N PRO A 19 -25.34 -23.42 4.33
CA PRO A 19 -26.42 -22.52 4.76
C PRO A 19 -26.06 -21.59 5.92
N ILE A 20 -26.24 -20.30 5.66
CA ILE A 20 -25.96 -19.20 6.59
C ILE A 20 -24.48 -18.78 6.64
N ILE A 21 -23.66 -19.42 7.48
CA ILE A 21 -22.25 -19.01 7.62
C ILE A 21 -21.16 -19.53 6.66
N GLY A 22 -21.50 -19.60 5.37
CA GLY A 22 -20.58 -20.03 4.32
C GLY A 22 -19.42 -21.01 4.46
N ASN A 23 -18.22 -20.55 4.13
CA ASN A 23 -17.03 -21.39 4.11
C ASN A 23 -15.93 -21.23 5.17
N ILE A 24 -16.24 -20.56 6.27
CA ILE A 24 -15.28 -20.32 7.35
C ILE A 24 -14.47 -21.55 7.80
N LEU A 25 -15.13 -22.70 7.91
CA LEU A 25 -14.45 -23.93 8.34
C LEU A 25 -13.52 -24.48 7.26
N GLN A 26 -13.71 -23.99 6.04
CA GLN A 26 -12.93 -24.40 4.87
C GLN A 26 -11.75 -23.43 4.59
N ILE A 27 -11.75 -22.29 5.29
CA ILE A 27 -10.72 -21.27 5.14
C ILE A 27 -9.71 -21.27 6.30
N ASP A 28 -8.48 -20.90 5.99
CA ASP A 28 -7.44 -20.81 7.01
C ASP A 28 -7.22 -19.31 7.22
N ALA A 29 -7.83 -18.81 8.30
CA ALA A 29 -7.74 -17.40 8.67
C ALA A 29 -6.31 -16.89 8.73
N LYS A 30 -5.36 -17.78 8.98
CA LYS A 30 -3.96 -17.40 9.08
C LYS A 30 -3.31 -17.12 7.74
N ASP A 31 -3.89 -17.65 6.66
CA ASP A 31 -3.37 -17.49 5.31
C ASP A 31 -4.49 -17.74 4.30
N ILE A 32 -5.43 -16.83 4.25
CA ILE A 32 -6.57 -16.94 3.37
C ILE A 32 -6.19 -17.14 1.89
N SER A 33 -5.10 -16.52 1.47
CA SER A 33 -4.62 -16.61 0.08
C SER A 33 -4.32 -18.06 -0.28
N LYS A 34 -3.74 -18.78 0.68
CA LYS A 34 -3.39 -20.19 0.52
C LYS A 34 -4.63 -21.07 0.30
N SER A 35 -5.78 -20.60 0.80
CA SER A 35 -7.05 -21.32 0.65
C SER A 35 -7.68 -21.01 -0.70
N LEU A 36 -7.57 -19.76 -1.16
CA LEU A 36 -8.15 -19.41 -2.45
C LEU A 36 -7.44 -20.19 -3.54
N THR A 37 -6.18 -20.51 -3.30
CA THR A 37 -5.38 -21.27 -4.24
C THR A 37 -5.78 -22.74 -4.14
N LYS A 38 -6.02 -23.22 -2.93
CA LYS A 38 -6.43 -24.61 -2.74
C LYS A 38 -7.80 -24.81 -3.38
N PHE A 39 -8.54 -23.72 -3.58
CA PHE A 39 -9.86 -23.78 -4.20
C PHE A 39 -9.77 -23.65 -5.72
N SER A 40 -8.77 -22.94 -6.21
CA SER A 40 -8.62 -22.73 -7.65
C SER A 40 -8.24 -24.01 -8.34
N GLU A 41 -7.54 -24.88 -7.62
CA GLU A 41 -7.10 -26.15 -8.16
C GLU A 41 -8.33 -27.00 -8.51
N CYS A 42 -9.35 -26.89 -7.68
CA CYS A 42 -10.60 -27.66 -7.83
C CYS A 42 -11.78 -27.02 -8.53
N TYR A 43 -11.73 -25.72 -8.82
CA TYR A 43 -12.85 -25.06 -9.48
C TYR A 43 -12.45 -24.13 -10.61
N GLY A 44 -11.14 -24.00 -10.82
CA GLY A 44 -10.66 -23.12 -11.88
C GLY A 44 -10.32 -21.69 -11.48
N PRO A 45 -10.09 -20.80 -12.46
CA PRO A 45 -9.74 -19.38 -12.28
C PRO A 45 -10.79 -18.51 -11.61
N VAL A 46 -12.05 -18.75 -11.93
CA VAL A 46 -13.17 -17.98 -11.38
C VAL A 46 -14.08 -18.86 -10.55
N PHE A 47 -14.19 -18.56 -9.26
CA PHE A 47 -15.04 -19.30 -8.36
C PHE A 47 -15.73 -18.40 -7.32
N THR A 48 -16.77 -18.93 -6.68
CA THR A 48 -17.53 -18.19 -5.70
C THR A 48 -17.37 -18.72 -4.28
N VAL A 49 -17.37 -17.81 -3.33
CA VAL A 49 -17.25 -18.18 -1.93
C VAL A 49 -18.32 -17.45 -1.11
N TYR A 50 -18.64 -18.01 0.06
CA TYR A 50 -19.63 -17.43 0.94
C TYR A 50 -19.04 -17.19 2.31
N LEU A 51 -19.38 -16.03 2.87
CA LEU A 51 -18.94 -15.63 4.22
C LEU A 51 -20.22 -15.64 5.07
N GLY A 52 -21.31 -15.43 4.36
CA GLY A 52 -22.64 -15.42 4.91
C GLY A 52 -23.45 -15.72 3.67
N MET A 53 -24.69 -15.23 3.59
CA MET A 53 -25.48 -15.48 2.40
C MET A 53 -25.03 -14.53 1.29
N LYS A 54 -23.93 -13.84 1.54
CA LYS A 54 -23.37 -12.91 0.58
C LYS A 54 -22.22 -13.54 -0.20
N PRO A 55 -22.41 -13.71 -1.52
CA PRO A 55 -21.41 -14.30 -2.41
C PRO A 55 -20.22 -13.36 -2.68
N THR A 56 -19.10 -13.96 -3.06
CA THR A 56 -17.88 -13.23 -3.37
C THR A 56 -17.18 -14.02 -4.48
N VAL A 57 -17.14 -13.46 -5.68
CA VAL A 57 -16.45 -14.15 -6.78
C VAL A 57 -14.93 -13.85 -6.74
N VAL A 58 -14.14 -14.92 -6.64
CA VAL A 58 -12.68 -14.85 -6.58
C VAL A 58 -12.03 -15.02 -7.95
N LEU A 59 -11.16 -14.07 -8.32
CA LEU A 59 -10.42 -14.13 -9.58
C LEU A 59 -8.99 -14.55 -9.26
N HIS A 60 -8.58 -15.69 -9.78
CA HIS A 60 -7.26 -16.24 -9.51
C HIS A 60 -6.45 -16.48 -10.79
N GLY A 61 -5.22 -16.00 -10.79
CA GLY A 61 -4.36 -16.15 -11.95
C GLY A 61 -4.41 -14.87 -12.76
N TYR A 62 -3.29 -14.59 -13.43
CA TYR A 62 -3.15 -13.40 -14.24
C TYR A 62 -4.21 -13.22 -15.34
N GLU A 63 -4.57 -14.32 -15.99
CA GLU A 63 -5.56 -14.28 -17.06
C GLU A 63 -6.90 -13.73 -16.54
N ALA A 64 -7.44 -14.37 -15.51
CA ALA A 64 -8.72 -13.95 -14.93
C ALA A 64 -8.62 -12.58 -14.27
N VAL A 65 -7.50 -12.31 -13.61
CA VAL A 65 -7.29 -11.03 -12.92
C VAL A 65 -7.14 -9.84 -13.85
N LYS A 66 -6.36 -10.02 -14.91
CA LYS A 66 -6.12 -8.94 -15.88
C LYS A 66 -7.40 -8.66 -16.70
N GLU A 67 -8.11 -9.73 -17.06
CA GLU A 67 -9.35 -9.62 -17.81
C GLU A 67 -10.36 -8.77 -17.05
N ALA A 68 -10.52 -9.06 -15.77
CA ALA A 68 -11.47 -8.33 -14.92
C ALA A 68 -11.02 -6.90 -14.64
N LEU A 69 -9.85 -6.76 -14.03
CA LEU A 69 -9.31 -5.45 -13.68
C LEU A 69 -8.95 -4.55 -14.85
N VAL A 70 -8.45 -5.12 -15.95
CA VAL A 70 -8.05 -4.33 -17.12
C VAL A 70 -9.07 -4.22 -18.24
N ASP A 71 -9.30 -5.31 -18.95
CA ASP A 71 -10.23 -5.36 -20.08
C ASP A 71 -11.65 -4.96 -19.66
N LEU A 72 -12.10 -5.46 -18.52
CA LEU A 72 -13.43 -5.12 -18.03
C LEU A 72 -13.29 -4.10 -16.89
N GLY A 73 -12.44 -3.10 -17.14
CA GLY A 73 -12.14 -2.07 -16.15
C GLY A 73 -13.25 -1.37 -15.39
N GLU A 74 -14.08 -0.60 -16.10
CA GLU A 74 -15.17 0.12 -15.45
C GLU A 74 -16.27 -0.77 -14.90
N GLU A 75 -16.31 -2.01 -15.35
CA GLU A 75 -17.28 -2.99 -14.87
C GLU A 75 -16.91 -3.47 -13.45
N PHE A 76 -15.62 -3.43 -13.13
CA PHE A 76 -15.14 -3.87 -11.83
C PHE A 76 -14.63 -2.75 -10.93
N ALA A 77 -14.70 -1.52 -11.42
CA ALA A 77 -14.20 -0.35 -10.69
C ALA A 77 -14.91 0.02 -9.39
N GLY A 78 -15.76 -0.86 -8.88
CA GLY A 78 -16.47 -0.55 -7.66
C GLY A 78 -15.76 -1.06 -6.43
N ARG A 79 -16.06 -0.47 -5.28
CA ARG A 79 -15.44 -0.88 -4.03
C ARG A 79 -16.47 -1.50 -3.09
N GLY A 80 -16.12 -2.62 -2.46
CA GLY A 80 -17.05 -3.25 -1.53
C GLY A 80 -17.38 -2.38 -0.33
N SER A 81 -18.60 -2.47 0.19
CA SER A 81 -19.03 -1.65 1.33
C SER A 81 -18.54 -2.10 2.71
N VAL A 82 -18.04 -1.14 3.48
CA VAL A 82 -17.54 -1.41 4.83
C VAL A 82 -18.20 -0.41 5.78
N PRO A 83 -19.02 -0.91 6.73
CA PRO A 83 -19.75 -0.12 7.73
C PRO A 83 -18.96 0.92 8.53
N ILE A 84 -17.79 0.53 9.01
CA ILE A 84 -16.94 1.43 9.78
C ILE A 84 -16.44 2.61 8.93
N LEU A 85 -16.16 2.35 7.67
CA LEU A 85 -15.69 3.39 6.76
C LEU A 85 -16.86 4.23 6.23
N GLU A 86 -18.02 3.60 6.12
CA GLU A 86 -19.22 4.29 5.64
C GLU A 86 -19.60 5.36 6.65
N LYS A 87 -19.24 5.12 7.91
CA LYS A 87 -19.53 6.07 8.98
C LYS A 87 -18.51 7.21 8.90
N VAL A 88 -17.23 6.84 8.99
CA VAL A 88 -16.13 7.79 8.93
C VAL A 88 -15.96 8.55 7.61
N SER A 89 -15.88 7.81 6.50
CA SER A 89 -15.68 8.40 5.18
C SER A 89 -16.91 8.99 4.51
N LYS A 90 -18.09 8.68 5.04
CA LYS A 90 -19.37 9.19 4.50
C LYS A 90 -19.55 9.06 3.00
N GLY A 91 -19.03 7.96 2.43
CA GLY A 91 -19.12 7.72 1.00
C GLY A 91 -18.25 8.66 0.17
N LEU A 92 -17.31 9.34 0.81
CA LEU A 92 -16.42 10.29 0.14
C LEU A 92 -14.97 9.76 0.05
N GLY A 93 -14.03 10.66 -0.25
CA GLY A 93 -12.65 10.24 -0.34
C GLY A 93 -12.32 9.52 -1.62
N ILE A 94 -11.36 8.59 -1.55
CA ILE A 94 -10.90 7.87 -2.74
C ILE A 94 -10.92 6.37 -2.65
N ALA A 95 -10.42 5.84 -1.53
CA ALA A 95 -10.32 4.39 -1.34
C ALA A 95 -11.64 3.58 -1.29
N PHE A 96 -12.66 4.15 -0.64
CA PHE A 96 -13.92 3.42 -0.52
C PHE A 96 -15.11 4.16 -1.09
N SER A 97 -14.84 5.18 -1.88
CA SER A 97 -15.90 5.93 -2.53
C SER A 97 -16.26 5.17 -3.81
N ASN A 98 -17.35 5.56 -4.46
CA ASN A 98 -17.78 4.92 -5.70
C ASN A 98 -18.30 5.96 -6.71
N ALA A 99 -18.40 5.54 -7.97
CA ALA A 99 -18.91 6.37 -9.05
C ALA A 99 -18.46 7.83 -9.08
N LYS A 100 -19.40 8.74 -9.33
CA LYS A 100 -19.15 10.17 -9.40
C LYS A 100 -18.14 10.71 -8.39
N THR A 101 -18.43 10.54 -7.11
CA THR A 101 -17.55 11.02 -6.05
C THR A 101 -16.13 10.45 -6.18
N TRP A 102 -16.04 9.17 -6.51
CA TRP A 102 -14.75 8.52 -6.67
C TRP A 102 -14.03 9.02 -7.93
N LYS A 103 -14.75 9.04 -9.04
CA LYS A 103 -14.20 9.47 -10.33
C LYS A 103 -13.50 10.83 -10.19
N GLU A 104 -14.18 11.78 -9.54
CA GLU A 104 -13.66 13.12 -9.34
C GLU A 104 -12.51 13.20 -8.32
N MET A 105 -12.60 12.43 -7.24
CA MET A 105 -11.56 12.47 -6.23
C MET A 105 -10.29 11.80 -6.72
N ARG A 106 -10.46 10.73 -7.50
CA ARG A 106 -9.31 10.04 -8.02
C ARG A 106 -8.58 10.86 -9.07
N ARG A 107 -9.30 11.43 -10.05
CA ARG A 107 -8.62 12.20 -11.09
C ARG A 107 -7.89 13.40 -10.55
N PHE A 108 -8.49 14.09 -9.57
CA PHE A 108 -7.85 15.24 -8.97
C PHE A 108 -6.58 14.80 -8.25
N SER A 109 -6.66 13.65 -7.60
CA SER A 109 -5.54 13.08 -6.87
C SER A 109 -4.41 12.59 -7.75
N LEU A 110 -4.74 12.07 -8.92
CA LEU A 110 -3.74 11.61 -9.85
C LEU A 110 -3.03 12.81 -10.45
N MET A 111 -3.80 13.87 -10.75
CA MET A 111 -3.25 15.10 -11.31
C MET A 111 -2.35 15.82 -10.30
N THR A 112 -2.80 15.89 -9.05
CA THR A 112 -2.05 16.57 -8.01
C THR A 112 -0.81 15.82 -7.50
N LEU A 113 -0.84 14.49 -7.54
CA LEU A 113 0.28 13.71 -7.02
C LEU A 113 1.36 13.36 -8.03
N ARG A 114 1.46 14.15 -9.10
CA ARG A 114 2.50 13.92 -10.10
C ARG A 114 3.74 14.52 -9.49
N ASN A 115 4.91 14.04 -9.92
CA ASN A 115 6.18 14.53 -9.35
C ASN A 115 6.27 16.05 -9.32
N PHE A 116 5.84 16.71 -10.39
CA PHE A 116 5.87 18.16 -10.42
C PHE A 116 4.46 18.76 -10.43
N GLY A 117 3.53 18.10 -9.74
CA GLY A 117 2.16 18.57 -9.69
C GLY A 117 1.79 19.59 -8.63
N MET A 118 2.72 19.90 -7.74
CA MET A 118 2.42 20.85 -6.68
C MET A 118 3.50 21.92 -6.51
N GLY A 119 3.85 22.60 -7.60
CA GLY A 119 4.86 23.64 -7.50
C GLY A 119 6.26 23.30 -7.96
N LYS A 120 7.19 24.22 -7.71
CA LYS A 120 8.58 24.06 -8.10
C LYS A 120 9.28 22.99 -7.28
N ARG A 121 8.87 22.85 -6.03
CA ARG A 121 9.45 21.84 -5.14
C ARG A 121 8.73 20.53 -5.46
N SER A 122 9.39 19.65 -6.20
CA SER A 122 8.82 18.37 -6.61
C SER A 122 8.67 17.36 -5.47
N ILE A 123 8.06 16.23 -5.80
CA ILE A 123 7.85 15.16 -4.84
C ILE A 123 9.21 14.53 -4.52
N GLU A 124 10.00 14.27 -5.58
CA GLU A 124 11.34 13.72 -5.41
C GLU A 124 12.11 14.59 -4.42
N ASP A 125 12.00 15.91 -4.58
CA ASP A 125 12.67 16.82 -3.67
C ASP A 125 12.18 16.61 -2.25
N ARG A 126 10.88 16.41 -2.07
CA ARG A 126 10.36 16.18 -0.73
C ARG A 126 10.85 14.86 -0.12
N ILE A 127 11.02 13.85 -0.98
CA ILE A 127 11.49 12.53 -0.58
C ILE A 127 12.98 12.58 -0.23
N GLN A 128 13.79 13.20 -1.09
CA GLN A 128 15.23 13.37 -0.85
C GLN A 128 15.48 14.08 0.49
N GLU A 129 14.72 15.15 0.72
CA GLU A 129 14.84 15.89 1.96
C GLU A 129 14.56 14.95 3.14
N GLU A 130 13.54 14.10 2.99
CA GLU A 130 13.17 13.16 4.04
C GLU A 130 14.20 12.06 4.21
N ALA A 131 14.71 11.54 3.10
CA ALA A 131 15.72 10.50 3.14
C ALA A 131 16.96 10.99 3.88
N ARG A 132 17.25 12.29 3.80
CA ARG A 132 18.38 12.87 4.52
C ARG A 132 18.09 12.83 6.01
N CYS A 133 16.88 13.22 6.40
CA CYS A 133 16.49 13.21 7.81
C CYS A 133 16.44 11.79 8.35
N LEU A 134 16.19 10.84 7.46
CA LEU A 134 16.11 9.45 7.83
C LEU A 134 17.49 8.95 8.25
N VAL A 135 18.48 9.23 7.43
CA VAL A 135 19.87 8.83 7.70
C VAL A 135 20.35 9.37 9.06
N GLU A 136 19.93 10.58 9.39
CA GLU A 136 20.31 11.20 10.66
C GLU A 136 19.69 10.46 11.85
N GLU A 137 18.42 10.11 11.73
CA GLU A 137 17.71 9.40 12.79
C GLU A 137 18.26 8.01 13.05
N LEU A 138 18.88 7.44 12.02
CA LEU A 138 19.49 6.13 12.11
C LEU A 138 20.85 6.28 12.77
N ARG A 139 21.51 7.39 12.47
CA ARG A 139 22.82 7.68 13.05
C ARG A 139 22.66 7.97 14.54
N LYS A 140 21.48 8.45 14.93
CA LYS A 140 21.22 8.75 16.34
C LYS A 140 20.98 7.48 17.18
N THR A 141 21.04 6.31 16.55
CA THR A 141 20.87 5.04 17.27
C THR A 141 22.25 4.58 17.76
N ASN A 142 23.27 5.37 17.41
CA ASN A 142 24.66 5.13 17.78
C ASN A 142 25.18 3.73 17.47
N ALA A 143 24.57 3.10 16.47
CA ALA A 143 24.95 1.76 16.03
C ALA A 143 24.58 0.68 17.03
N SER A 144 23.79 1.04 18.03
CA SER A 144 23.35 0.07 19.02
C SER A 144 22.15 -0.68 18.44
N PRO A 145 21.95 -1.95 18.85
CA PRO A 145 20.82 -2.73 18.33
C PRO A 145 19.50 -2.01 18.56
N CYS A 146 18.60 -2.15 17.58
CA CYS A 146 17.30 -1.50 17.64
C CYS A 146 16.28 -2.14 16.72
N ASP A 147 15.02 -1.81 16.97
CA ASP A 147 13.89 -2.28 16.16
C ASP A 147 13.53 -1.05 15.32
N PRO A 148 13.67 -1.16 13.98
CA PRO A 148 13.38 -0.10 13.00
C PRO A 148 11.92 0.28 12.79
N THR A 149 11.00 -0.47 13.38
CA THR A 149 9.58 -0.20 13.22
C THR A 149 9.17 1.25 13.32
N PHE A 150 9.54 1.88 14.43
CA PHE A 150 9.17 3.27 14.64
C PHE A 150 9.67 4.29 13.62
N ILE A 151 10.96 4.27 13.33
CA ILE A 151 11.50 5.25 12.40
C ILE A 151 11.23 5.00 10.92
N LEU A 152 11.05 3.73 10.55
CA LEU A 152 10.74 3.37 9.18
C LEU A 152 9.24 3.68 8.91
N GLY A 153 8.53 4.11 9.95
CA GLY A 153 7.14 4.47 9.84
C GLY A 153 6.98 5.99 9.88
N CYS A 154 8.02 6.67 10.37
CA CYS A 154 8.03 8.12 10.46
C CYS A 154 8.32 8.75 9.12
N ALA A 155 9.25 8.14 8.39
CA ALA A 155 9.65 8.64 7.09
C ALA A 155 8.51 8.73 6.05
N PRO A 156 7.73 7.65 5.85
CA PRO A 156 6.65 7.68 4.87
C PRO A 156 5.51 8.58 5.30
N CYS A 157 5.28 8.65 6.59
CA CYS A 157 4.21 9.50 7.11
C CYS A 157 4.61 10.96 6.82
N ASN A 158 5.90 11.27 6.99
CA ASN A 158 6.42 12.60 6.73
C ASN A 158 6.38 12.91 5.24
N VAL A 159 6.69 11.93 4.39
CA VAL A 159 6.63 12.18 2.96
C VAL A 159 5.24 12.68 2.62
N ILE A 160 4.23 11.99 3.14
CA ILE A 160 2.82 12.34 2.92
C ILE A 160 2.48 13.72 3.47
N CYS A 161 2.92 14.02 4.69
CA CYS A 161 2.68 15.34 5.29
C CYS A 161 3.20 16.47 4.37
N SER A 162 4.45 16.36 3.92
CA SER A 162 5.04 17.39 3.06
C SER A 162 4.31 17.49 1.73
N VAL A 163 3.79 16.36 1.24
CA VAL A 163 3.05 16.33 -0.01
C VAL A 163 1.66 16.96 0.20
N ILE A 164 1.10 16.78 1.39
CA ILE A 164 -0.22 17.33 1.68
C ILE A 164 -0.25 18.72 2.30
N PHE A 165 0.54 18.93 3.36
CA PHE A 165 0.61 20.20 4.09
C PHE A 165 1.86 21.04 3.80
N HIS A 166 2.70 20.58 2.88
CA HIS A 166 3.97 21.26 2.55
C HIS A 166 4.80 21.48 3.82
N ASN A 167 4.81 20.50 4.71
CA ASN A 167 5.57 20.62 5.94
C ASN A 167 5.82 19.27 6.61
N ARG A 168 7.07 19.01 6.98
CA ARG A 168 7.42 17.76 7.64
C ARG A 168 7.55 18.00 9.14
N PHE A 169 7.73 16.92 9.90
CA PHE A 169 7.82 17.01 11.36
C PHE A 169 9.03 16.32 11.95
N ASP A 170 9.27 16.60 13.22
CA ASP A 170 10.37 15.99 13.96
C ASP A 170 9.84 14.68 14.53
N TYR A 171 10.69 13.66 14.53
CA TYR A 171 10.32 12.33 15.04
C TYR A 171 9.99 12.34 16.53
N LYS A 172 10.31 13.45 17.20
CA LYS A 172 10.05 13.62 18.62
C LYS A 172 8.81 14.51 18.82
N ASP A 173 8.22 14.96 17.72
CA ASP A 173 7.03 15.81 17.72
C ASP A 173 5.85 15.05 18.35
N GLU A 174 5.33 15.57 19.46
CA GLU A 174 4.24 14.95 20.20
C GLU A 174 2.98 14.70 19.37
N GLU A 175 2.58 15.69 18.59
CA GLU A 175 1.40 15.62 17.73
C GLU A 175 1.54 14.55 16.64
N PHE A 176 2.67 14.59 15.94
CA PHE A 176 3.03 13.67 14.87
C PHE A 176 2.99 12.22 15.37
N LEU A 177 3.38 12.04 16.63
CA LEU A 177 3.39 10.73 17.27
C LEU A 177 1.99 10.20 17.41
N LYS A 178 1.10 11.03 17.95
CA LYS A 178 -0.29 10.63 18.13
C LYS A 178 -0.92 10.26 16.79
N LEU A 179 -0.54 11.00 15.75
CA LEU A 179 -1.05 10.77 14.38
C LEU A 179 -0.54 9.43 13.82
N MET A 180 0.77 9.18 13.90
CA MET A 180 1.30 7.91 13.40
C MET A 180 0.67 6.76 14.16
N GLU A 181 0.52 6.93 15.47
CA GLU A 181 -0.09 5.88 16.29
C GLU A 181 -1.54 5.67 15.86
N SER A 182 -2.27 6.77 15.72
CA SER A 182 -3.66 6.71 15.30
C SER A 182 -3.84 6.00 13.95
N LEU A 183 -2.94 6.27 13.01
CA LEU A 183 -2.98 5.66 11.68
C LEU A 183 -2.59 4.20 11.72
N HIS A 184 -1.69 3.84 12.63
CA HIS A 184 -1.24 2.47 12.79
C HIS A 184 -2.29 1.63 13.51
N GLU A 185 -2.67 2.13 14.68
CA GLU A 185 -3.66 1.48 15.53
C GLU A 185 -4.93 1.17 14.76
N ASN A 186 -5.34 2.09 13.90
CA ASN A 186 -6.55 1.90 13.12
C ASN A 186 -6.46 0.84 12.05
N VAL A 187 -5.26 0.60 11.55
CA VAL A 187 -5.08 -0.42 10.54
C VAL A 187 -4.83 -1.74 11.27
N GLU A 188 -4.25 -1.63 12.47
CA GLU A 188 -3.93 -2.80 13.28
C GLU A 188 -5.18 -3.41 13.91
N LEU A 189 -6.12 -2.56 14.30
CA LEU A 189 -7.36 -3.01 14.90
C LEU A 189 -8.38 -3.44 13.86
N LEU A 190 -8.32 -2.82 12.68
CA LEU A 190 -9.24 -3.13 11.57
C LEU A 190 -8.72 -4.30 10.76
N GLY A 191 -7.46 -4.65 11.02
CA GLY A 191 -6.81 -5.75 10.33
C GLY A 191 -7.54 -7.08 10.42
N THR A 192 -7.91 -7.59 9.26
CA THR A 192 -8.60 -8.87 9.14
C THR A 192 -8.32 -9.41 7.73
N PRO A 193 -8.28 -10.75 7.57
CA PRO A 193 -8.02 -11.31 6.24
C PRO A 193 -8.96 -10.76 5.15
N TRP A 194 -10.27 -10.81 5.38
CA TRP A 194 -11.20 -10.28 4.41
C TRP A 194 -12.09 -9.17 4.96
N LEU A 195 -11.90 -7.97 4.43
CA LEU A 195 -12.64 -6.77 4.86
C LEU A 195 -14.16 -6.87 4.82
N GLN A 196 -14.68 -7.72 3.97
CA GLN A 196 -16.13 -7.89 3.90
C GLN A 196 -16.64 -8.60 5.17
N VAL A 197 -15.72 -9.13 5.98
CA VAL A 197 -16.09 -9.82 7.22
C VAL A 197 -17.05 -8.94 7.99
N TYR A 198 -16.69 -7.66 8.14
CA TYR A 198 -17.49 -6.70 8.89
C TYR A 198 -18.94 -6.51 8.41
N ASN A 199 -19.15 -6.42 7.11
CA ASN A 199 -20.49 -6.24 6.55
C ASN A 199 -21.28 -7.55 6.51
N ASN A 200 -20.57 -8.68 6.57
CA ASN A 200 -21.22 -9.99 6.53
C ASN A 200 -21.43 -10.55 7.94
N PHE A 201 -20.95 -9.82 8.94
CA PHE A 201 -21.06 -10.23 10.35
C PHE A 201 -21.44 -9.07 11.27
N PRO A 202 -22.70 -8.60 11.18
CA PRO A 202 -23.23 -7.50 12.00
C PRO A 202 -23.20 -7.73 13.53
N ALA A 203 -23.42 -8.97 13.97
CA ALA A 203 -23.42 -9.31 15.40
C ALA A 203 -22.07 -9.05 16.09
N LEU A 204 -21.05 -8.88 15.25
CA LEU A 204 -19.68 -8.62 15.68
C LEU A 204 -19.66 -7.20 16.29
N LEU A 205 -20.57 -6.36 15.79
CA LEU A 205 -20.71 -4.98 16.25
C LEU A 205 -21.31 -4.93 17.66
N ASP A 206 -22.16 -5.91 17.97
CA ASP A 206 -22.79 -5.99 19.28
C ASP A 206 -21.88 -6.68 20.30
N TYR A 207 -21.03 -7.60 19.83
CA TYR A 207 -20.11 -8.29 20.73
C TYR A 207 -18.89 -7.46 21.13
N PHE A 208 -18.52 -6.49 20.30
CA PHE A 208 -17.35 -5.66 20.57
C PHE A 208 -17.50 -4.18 20.17
N PRO A 209 -18.43 -3.44 20.83
CA PRO A 209 -18.71 -2.01 20.56
C PRO A 209 -17.52 -1.07 20.72
N GLY A 210 -16.58 -1.46 21.58
CA GLY A 210 -15.41 -0.64 21.83
C GLY A 210 -14.47 -0.51 20.66
N ILE A 211 -14.37 -1.58 19.85
CA ILE A 211 -13.50 -1.58 18.68
C ILE A 211 -13.83 -0.36 17.81
N HIS A 212 -15.10 -0.22 17.45
CA HIS A 212 -15.56 0.87 16.61
C HIS A 212 -15.38 2.22 17.29
N LYS A 213 -15.50 2.24 18.61
CA LYS A 213 -15.37 3.48 19.38
C LYS A 213 -13.94 4.00 19.29
N THR A 214 -12.98 3.09 19.38
CA THR A 214 -11.58 3.49 19.28
C THR A 214 -11.31 3.98 17.84
N LEU A 215 -11.81 3.25 16.86
CA LEU A 215 -11.65 3.59 15.44
C LEU A 215 -12.16 5.00 15.14
N LEU A 216 -13.36 5.32 15.61
CA LEU A 216 -13.97 6.64 15.41
C LEU A 216 -13.15 7.74 16.07
N LYS A 217 -12.64 7.43 17.26
CA LYS A 217 -11.82 8.35 18.04
C LYS A 217 -10.61 8.72 17.19
N ASN A 218 -9.81 7.71 16.84
CA ASN A 218 -8.61 7.88 16.02
C ASN A 218 -8.95 8.59 14.71
N ALA A 219 -10.01 8.12 14.06
CA ALA A 219 -10.46 8.72 12.81
C ALA A 219 -10.69 10.21 13.02
N ASP A 220 -11.36 10.56 14.11
CA ASP A 220 -11.62 11.97 14.40
C ASP A 220 -10.38 12.76 14.82
N TYR A 221 -9.41 12.10 15.44
CA TYR A 221 -8.19 12.81 15.81
C TYR A 221 -7.48 13.14 14.50
N ILE A 222 -7.45 12.16 13.60
CA ILE A 222 -6.84 12.30 12.29
C ILE A 222 -7.55 13.43 11.52
N LYS A 223 -8.87 13.45 11.58
CA LYS A 223 -9.65 14.48 10.89
C LYS A 223 -9.34 15.89 11.40
N ASN A 224 -9.38 16.08 12.72
CA ASN A 224 -9.10 17.37 13.33
C ASN A 224 -7.66 17.79 13.03
N PHE A 225 -6.74 16.84 13.07
CA PHE A 225 -5.34 17.11 12.81
C PHE A 225 -5.22 17.69 11.40
N ILE A 226 -5.98 17.11 10.48
CA ILE A 226 -5.95 17.56 9.10
C ILE A 226 -6.72 18.87 8.92
N MET A 227 -7.85 18.99 9.61
CA MET A 227 -8.68 20.18 9.50
C MET A 227 -7.98 21.45 9.97
N GLU A 228 -7.20 21.35 11.04
CA GLU A 228 -6.48 22.50 11.56
C GLU A 228 -5.51 23.07 10.54
N LYS A 229 -4.69 22.20 9.94
CA LYS A 229 -3.70 22.62 8.93
C LYS A 229 -4.38 23.22 7.69
N VAL A 230 -5.65 22.85 7.49
CA VAL A 230 -6.44 23.33 6.35
C VAL A 230 -6.91 24.78 6.55
N LYS A 231 -7.40 25.08 7.75
CA LYS A 231 -7.89 26.42 8.05
C LYS A 231 -6.78 27.47 7.93
N GLU A 232 -5.57 27.11 8.34
CA GLU A 232 -4.43 28.01 8.27
C GLU A 232 -3.78 27.99 6.90
N HIS A 233 -4.20 27.04 6.07
CA HIS A 233 -3.69 26.94 4.71
C HIS A 233 -4.48 27.94 3.87
N GLN A 234 -5.76 28.08 4.21
CA GLN A 234 -6.67 28.98 3.51
C GLN A 234 -6.23 30.44 3.53
N LYS A 235 -5.60 30.84 4.64
CA LYS A 235 -5.12 32.20 4.82
C LYS A 235 -3.85 32.48 4.02
N LEU A 236 -2.94 31.52 3.99
CA LEU A 236 -1.68 31.69 3.27
C LEU A 236 -1.74 31.23 1.81
N LEU A 237 -2.95 30.98 1.29
CA LEU A 237 -3.11 30.52 -0.09
C LEU A 237 -2.73 31.52 -1.19
N ASP A 238 -1.93 31.03 -2.14
CA ASP A 238 -1.49 31.81 -3.29
C ASP A 238 -2.11 31.09 -4.48
N VAL A 239 -3.13 31.69 -5.09
CA VAL A 239 -3.85 31.10 -6.21
C VAL A 239 -3.01 30.78 -7.44
N ASN A 240 -1.88 31.47 -7.61
CA ASN A 240 -1.03 31.24 -8.77
C ASN A 240 0.09 30.26 -8.49
N ASN A 241 0.39 30.06 -7.21
CA ASN A 241 1.45 29.14 -6.80
C ASN A 241 1.07 28.14 -5.70
N PRO A 242 0.48 27.01 -6.10
CA PRO A 242 0.06 25.92 -5.21
C PRO A 242 1.30 25.10 -4.80
N ARG A 243 1.56 25.02 -3.49
CA ARG A 243 2.72 24.28 -3.00
C ARG A 243 2.43 22.85 -2.50
N ASP A 244 1.15 22.47 -2.43
CA ASP A 244 0.74 21.13 -1.97
C ASP A 244 -0.66 20.64 -2.35
N PHE A 245 -1.04 19.49 -1.82
CA PHE A 245 -2.34 18.89 -2.10
C PHE A 245 -3.47 19.83 -1.71
N ILE A 246 -3.46 20.23 -0.44
CA ILE A 246 -4.48 21.14 0.07
C ILE A 246 -4.65 22.35 -0.83
N ASP A 247 -3.54 23.05 -1.08
CA ASP A 247 -3.54 24.25 -1.93
C ASP A 247 -4.28 24.03 -3.25
N CYS A 248 -3.93 22.97 -3.96
CA CYS A 248 -4.57 22.69 -5.23
C CYS A 248 -6.04 22.40 -4.99
N PHE A 249 -6.34 21.78 -3.87
CA PHE A 249 -7.70 21.43 -3.55
C PHE A 249 -8.47 22.70 -3.26
N LEU A 250 -7.90 23.58 -2.43
CA LEU A 250 -8.57 24.83 -2.10
C LEU A 250 -8.83 25.70 -3.32
N ILE A 251 -8.04 25.51 -4.38
CA ILE A 251 -8.21 26.27 -5.60
C ILE A 251 -9.33 25.68 -6.45
N LYS A 252 -9.46 24.36 -6.41
CA LYS A 252 -10.51 23.66 -7.17
C LYS A 252 -11.89 24.01 -6.58
N MET A 253 -11.89 24.51 -5.34
CA MET A 253 -13.12 24.87 -4.66
C MET A 253 -13.63 26.28 -5.00
N GLU A 254 -12.80 27.09 -5.66
CA GLU A 254 -13.18 28.46 -6.00
C GLU A 254 -13.93 28.65 -7.34
N GLN A 255 -13.33 29.38 -8.29
CA GLN A 255 -13.97 29.66 -9.58
C GLN A 255 -14.47 28.46 -10.40
N GLU A 256 -14.27 27.26 -9.87
CA GLU A 256 -14.72 26.04 -10.52
C GLU A 256 -15.91 25.50 -9.73
N ASN A 257 -17.09 25.42 -10.37
CA ASN A 257 -18.29 24.94 -9.71
C ASN A 257 -18.38 23.42 -9.54
N ASN A 258 -17.94 22.95 -8.38
CA ASN A 258 -17.95 21.53 -8.04
C ASN A 258 -18.37 21.34 -6.59
N LEU A 259 -19.60 20.84 -6.40
CA LEU A 259 -20.15 20.59 -5.07
C LEU A 259 -19.51 19.36 -4.44
N GLU A 260 -18.79 18.61 -5.26
CA GLU A 260 -18.09 17.41 -4.82
C GLU A 260 -16.88 17.81 -3.97
N PHE A 261 -16.38 19.02 -4.22
CA PHE A 261 -15.23 19.53 -3.50
C PHE A 261 -15.60 20.48 -2.36
N THR A 262 -15.43 20.02 -1.13
CA THR A 262 -15.73 20.84 0.04
C THR A 262 -14.62 20.59 1.06
N LEU A 263 -14.63 21.32 2.17
CA LEU A 263 -13.62 21.14 3.21
C LEU A 263 -13.67 19.75 3.81
N GLU A 264 -14.89 19.23 3.99
CA GLU A 264 -15.06 17.89 4.55
C GLU A 264 -14.55 16.82 3.57
N SER A 265 -14.85 17.03 2.29
CA SER A 265 -14.44 16.14 1.21
C SER A 265 -12.90 16.02 1.17
N LEU A 266 -12.23 17.13 1.42
CA LEU A 266 -10.77 17.22 1.46
C LEU A 266 -10.21 16.43 2.65
N VAL A 267 -10.75 16.68 3.82
CA VAL A 267 -10.31 16.01 5.03
C VAL A 267 -10.38 14.50 4.84
N ILE A 268 -11.49 14.04 4.29
CA ILE A 268 -11.64 12.62 4.06
C ILE A 268 -10.66 12.09 3.02
N ALA A 269 -10.40 12.86 1.97
CA ALA A 269 -9.43 12.45 0.94
C ALA A 269 -8.02 12.38 1.54
N VAL A 270 -7.65 13.34 2.39
CA VAL A 270 -6.32 13.35 3.00
C VAL A 270 -6.15 12.18 3.99
N SER A 271 -7.22 11.83 4.71
CA SER A 271 -7.19 10.70 5.65
C SER A 271 -6.92 9.44 4.86
N ASP A 272 -7.60 9.31 3.72
CA ASP A 272 -7.41 8.15 2.88
C ASP A 272 -5.97 8.01 2.47
N LEU A 273 -5.38 9.11 1.97
CA LEU A 273 -3.99 9.11 1.55
C LEU A 273 -3.07 8.69 2.69
N PHE A 274 -3.25 9.30 3.86
CA PHE A 274 -2.42 8.93 5.01
C PHE A 274 -2.60 7.46 5.31
N GLY A 275 -3.86 7.06 5.43
CA GLY A 275 -4.23 5.69 5.73
C GLY A 275 -3.69 4.69 4.71
N ALA A 276 -3.87 4.98 3.43
CA ALA A 276 -3.39 4.10 2.39
C ALA A 276 -1.87 4.14 2.13
N GLY A 277 -1.21 5.27 2.41
CA GLY A 277 0.19 5.36 2.08
C GLY A 277 1.28 5.29 3.13
N THR A 278 0.87 5.18 4.38
CA THR A 278 1.81 5.13 5.47
C THR A 278 2.26 3.77 5.85
N GLU A 279 1.30 2.95 6.25
CA GLU A 279 1.52 1.58 6.70
C GLU A 279 2.07 0.65 5.62
N THR A 280 1.54 0.79 4.41
CA THR A 280 2.00 0.00 3.26
C THR A 280 3.46 0.30 2.96
N THR A 281 3.80 1.58 2.89
CA THR A 281 5.17 1.96 2.57
C THR A 281 6.12 1.55 3.67
N SER A 282 5.69 1.86 4.89
CA SER A 282 6.45 1.52 6.09
C SER A 282 6.79 0.02 6.17
N THR A 283 5.77 -0.81 6.07
CA THR A 283 5.92 -2.26 6.12
C THR A 283 6.84 -2.78 5.05
N THR A 284 6.75 -2.19 3.85
CA THR A 284 7.59 -2.63 2.73
C THR A 284 9.03 -2.30 3.04
N LEU A 285 9.25 -1.14 3.64
CA LEU A 285 10.62 -0.75 4.01
C LEU A 285 11.16 -1.72 5.09
N ARG A 286 10.36 -1.95 6.14
CA ARG A 286 10.75 -2.87 7.22
C ARG A 286 11.12 -4.22 6.65
N TYR A 287 10.27 -4.69 5.74
CA TYR A 287 10.49 -5.98 5.11
C TYR A 287 11.73 -5.94 4.21
N SER A 288 12.03 -4.77 3.66
CA SER A 288 13.21 -4.56 2.79
C SER A 288 14.49 -4.79 3.58
N LEU A 289 14.64 -4.07 4.70
CA LEU A 289 15.80 -4.22 5.53
C LEU A 289 15.94 -5.68 5.96
N LEU A 290 14.84 -6.30 6.38
CA LEU A 290 14.88 -7.71 6.79
C LEU A 290 15.40 -8.63 5.71
N LEU A 291 14.91 -8.45 4.49
CA LEU A 291 15.38 -9.31 3.40
C LEU A 291 16.85 -9.03 3.06
N LEU A 292 17.30 -7.80 3.30
CA LEU A 292 18.71 -7.46 3.04
C LEU A 292 19.59 -8.08 4.12
N LEU A 293 18.99 -8.34 5.29
CA LEU A 293 19.71 -8.98 6.40
C LEU A 293 19.79 -10.47 6.13
N LYS A 294 18.69 -11.02 5.61
CA LYS A 294 18.61 -12.43 5.30
C LYS A 294 19.49 -12.79 4.13
N HIS A 295 19.63 -11.86 3.19
CA HIS A 295 20.46 -12.09 2.01
C HIS A 295 21.44 -10.92 1.88
N PRO A 296 22.55 -10.95 2.64
CA PRO A 296 23.57 -9.89 2.64
C PRO A 296 24.36 -9.70 1.34
N GLU A 297 24.43 -10.72 0.49
CA GLU A 297 25.15 -10.56 -0.76
C GLU A 297 24.40 -9.55 -1.62
N VAL A 298 23.06 -9.59 -1.53
CA VAL A 298 22.18 -8.67 -2.25
C VAL A 298 22.45 -7.26 -1.74
N ALA A 299 22.55 -7.11 -0.43
CA ALA A 299 22.82 -5.81 0.16
C ALA A 299 24.17 -5.24 -0.32
N ALA A 300 25.14 -6.14 -0.52
CA ALA A 300 26.48 -5.77 -0.96
C ALA A 300 26.53 -5.38 -2.44
N ARG A 301 25.76 -6.10 -3.28
CA ARG A 301 25.71 -5.80 -4.70
C ARG A 301 24.94 -4.51 -4.95
N VAL A 302 24.12 -4.13 -3.98
CA VAL A 302 23.39 -2.88 -4.12
C VAL A 302 24.37 -1.78 -3.80
N GLN A 303 25.15 -1.99 -2.75
CA GLN A 303 26.15 -1.04 -2.29
C GLN A 303 27.25 -0.82 -3.37
N GLU A 304 27.57 -1.89 -4.09
CA GLU A 304 28.53 -1.83 -5.17
C GLU A 304 27.95 -0.88 -6.25
N GLU A 305 26.73 -1.18 -6.71
CA GLU A 305 26.08 -0.35 -7.72
C GLU A 305 25.89 1.09 -7.21
N ILE A 306 25.63 1.26 -5.92
CA ILE A 306 25.48 2.61 -5.37
C ILE A 306 26.81 3.37 -5.41
N GLU A 307 27.90 2.70 -5.00
CA GLU A 307 29.20 3.38 -4.99
C GLU A 307 29.63 3.81 -6.39
N ARG A 308 29.41 2.92 -7.35
CA ARG A 308 29.74 3.11 -8.75
C ARG A 308 28.91 4.16 -9.51
N VAL A 309 27.59 4.16 -9.32
CA VAL A 309 26.69 5.09 -10.01
C VAL A 309 26.38 6.39 -9.28
N ILE A 310 26.53 6.41 -7.98
CA ILE A 310 26.22 7.61 -7.22
C ILE A 310 27.43 8.16 -6.48
N GLY A 311 28.27 7.26 -5.98
CA GLY A 311 29.43 7.71 -5.25
C GLY A 311 29.06 7.87 -3.79
N ARG A 312 30.03 8.22 -2.96
CA ARG A 312 29.81 8.37 -1.53
C ARG A 312 29.51 9.79 -1.07
N HIS A 313 29.39 10.73 -2.02
CA HIS A 313 29.16 12.13 -1.65
C HIS A 313 27.76 12.74 -1.77
N ARG A 314 27.17 12.68 -2.96
CA ARG A 314 25.83 13.26 -3.15
C ARG A 314 24.64 12.35 -2.79
N SER A 315 23.51 13.00 -2.51
CA SER A 315 22.28 12.31 -2.17
C SER A 315 21.74 11.64 -3.43
N PRO A 316 21.22 10.40 -3.32
CA PRO A 316 20.69 9.75 -4.50
C PRO A 316 19.47 10.46 -5.09
N CYS A 317 19.17 10.17 -6.35
CA CYS A 317 18.05 10.83 -7.00
C CYS A 317 17.48 9.89 -8.05
N MET A 318 16.23 10.14 -8.47
CA MET A 318 15.51 9.30 -9.42
C MET A 318 16.16 9.02 -10.76
N GLN A 319 17.00 9.94 -11.23
CA GLN A 319 17.69 9.74 -12.51
C GLN A 319 18.57 8.49 -12.43
N ASP A 320 19.03 8.20 -11.21
CA ASP A 320 19.91 7.07 -10.92
C ASP A 320 19.27 5.71 -11.15
N ARG A 321 17.96 5.61 -10.89
CA ARG A 321 17.23 4.36 -11.04
C ARG A 321 17.39 3.70 -12.40
N SER A 322 17.39 4.50 -13.46
CA SER A 322 17.53 3.95 -14.81
C SER A 322 18.92 3.35 -15.00
N ARG A 323 19.91 3.96 -14.33
CA ARG A 323 21.31 3.51 -14.38
C ARG A 323 21.65 2.51 -13.26
N MET A 324 20.64 1.95 -12.60
CA MET A 324 20.88 0.99 -11.53
C MET A 324 19.95 -0.21 -11.65
N PRO A 325 20.11 -0.98 -12.75
CA PRO A 325 19.29 -2.17 -13.00
C PRO A 325 19.27 -3.16 -11.84
N TYR A 326 20.37 -3.28 -11.10
CA TYR A 326 20.38 -4.25 -10.01
C TYR A 326 19.54 -3.80 -8.79
N THR A 327 19.71 -2.57 -8.35
CA THR A 327 18.97 -2.05 -7.21
C THR A 327 17.49 -2.08 -7.53
N ASP A 328 17.16 -1.78 -8.77
CA ASP A 328 15.78 -1.73 -9.23
C ASP A 328 15.19 -3.14 -9.21
N ALA A 329 15.97 -4.12 -9.64
CA ALA A 329 15.48 -5.48 -9.65
C ALA A 329 15.29 -5.97 -8.22
N VAL A 330 16.02 -5.37 -7.29
CA VAL A 330 15.94 -5.71 -5.87
C VAL A 330 14.63 -5.14 -5.31
N ILE A 331 14.31 -3.90 -5.66
CA ILE A 331 13.10 -3.27 -5.17
C ILE A 331 11.85 -3.96 -5.74
N HIS A 332 11.93 -4.38 -6.99
CA HIS A 332 10.84 -5.10 -7.65
C HIS A 332 10.69 -6.45 -6.98
N GLU A 333 11.81 -7.13 -6.73
CA GLU A 333 11.77 -8.45 -6.10
C GLU A 333 11.29 -8.44 -4.67
N ILE A 334 11.47 -7.33 -3.95
CA ILE A 334 10.99 -7.23 -2.58
C ILE A 334 9.47 -7.12 -2.66
N GLN A 335 8.97 -6.15 -3.43
CA GLN A 335 7.53 -5.95 -3.59
C GLN A 335 6.81 -7.20 -4.09
N ARG A 336 7.48 -7.93 -4.97
CA ARG A 336 6.90 -9.14 -5.51
C ARG A 336 6.95 -10.31 -4.50
N PHE A 337 8.05 -10.40 -3.75
CA PHE A 337 8.22 -11.50 -2.81
C PHE A 337 7.30 -11.38 -1.59
N ILE A 338 7.19 -10.19 -1.03
CA ILE A 338 6.38 -10.00 0.16
C ILE A 338 4.88 -10.07 -0.04
N ASP A 339 4.43 -9.76 -1.25
CA ASP A 339 3.01 -9.86 -1.56
C ASP A 339 2.20 -9.08 -0.50
N LEU A 340 2.53 -7.80 -0.33
CA LEU A 340 1.93 -6.92 0.67
C LEU A 340 0.43 -7.06 0.87
N LEU A 341 -0.32 -7.11 -0.22
CA LEU A 341 -1.78 -7.27 -0.15
C LEU A 341 -2.15 -8.45 -0.99
N PRO A 342 -2.02 -9.67 -0.43
CA PRO A 342 -2.33 -10.93 -1.13
C PRO A 342 -3.64 -10.94 -1.91
N THR A 343 -4.69 -10.35 -1.35
CA THR A 343 -6.00 -10.35 -1.99
C THR A 343 -6.42 -8.97 -2.44
N ASN A 344 -5.43 -8.10 -2.68
CA ASN A 344 -5.68 -6.73 -3.17
C ASN A 344 -6.60 -6.08 -2.14
N LEU A 345 -7.38 -5.10 -2.58
CA LEU A 345 -8.37 -4.47 -1.75
C LEU A 345 -9.64 -4.98 -2.45
N PRO A 346 -10.73 -5.20 -1.70
CA PRO A 346 -11.96 -5.70 -2.32
C PRO A 346 -12.63 -4.81 -3.36
N HIS A 347 -12.97 -5.41 -4.48
CA HIS A 347 -13.70 -4.73 -5.56
C HIS A 347 -15.20 -5.12 -5.50
N ALA A 348 -15.95 -4.68 -6.49
CA ALA A 348 -17.37 -4.99 -6.60
C ALA A 348 -17.81 -4.56 -8.00
N VAL A 349 -18.77 -5.27 -8.59
CA VAL A 349 -19.22 -4.88 -9.92
C VAL A 349 -20.14 -3.66 -9.89
N THR A 350 -20.06 -2.83 -10.94
CA THR A 350 -20.84 -1.61 -11.07
C THR A 350 -22.08 -1.72 -11.95
N ARG A 351 -22.26 -2.90 -12.55
CA ARG A 351 -23.38 -3.18 -13.45
C ARG A 351 -23.39 -4.69 -13.64
N ASP A 352 -24.48 -5.24 -14.16
CA ASP A 352 -24.57 -6.68 -14.39
C ASP A 352 -23.54 -7.01 -15.46
N VAL A 353 -22.72 -8.02 -15.20
CA VAL A 353 -21.69 -8.39 -16.17
C VAL A 353 -21.60 -9.87 -16.46
N ARG A 354 -21.31 -10.18 -17.72
CA ARG A 354 -21.15 -11.56 -18.14
C ARG A 354 -19.66 -11.86 -18.23
N PHE A 355 -19.12 -12.34 -17.12
CA PHE A 355 -17.72 -12.67 -17.06
C PHE A 355 -17.56 -14.07 -17.64
N ARG A 356 -17.24 -14.13 -18.93
CA ARG A 356 -17.09 -15.39 -19.65
C ARG A 356 -18.44 -16.11 -19.74
N ASN A 357 -18.54 -17.29 -19.13
CA ASN A 357 -19.78 -18.04 -19.16
C ASN A 357 -20.44 -18.06 -17.78
N TYR A 358 -20.32 -16.92 -17.11
CA TYR A 358 -20.88 -16.73 -15.78
C TYR A 358 -21.64 -15.41 -15.74
N PHE A 359 -22.53 -15.29 -14.76
CA PHE A 359 -23.29 -14.06 -14.61
C PHE A 359 -23.03 -13.41 -13.26
N ILE A 360 -22.54 -12.17 -13.30
CA ILE A 360 -22.25 -11.41 -12.08
C ILE A 360 -23.14 -10.17 -12.01
N PRO A 361 -24.07 -10.16 -11.04
CA PRO A 361 -25.03 -9.08 -10.81
C PRO A 361 -24.50 -7.86 -10.05
N LYS A 362 -24.84 -6.68 -10.54
CA LYS A 362 -24.41 -5.41 -9.94
C LYS A 362 -24.30 -5.40 -8.42
N GLY A 363 -23.12 -5.05 -7.92
CA GLY A 363 -22.89 -4.99 -6.48
C GLY A 363 -22.22 -6.18 -5.84
N THR A 364 -22.06 -7.26 -6.60
CA THR A 364 -21.42 -8.47 -6.05
C THR A 364 -19.95 -8.22 -5.73
N ASP A 365 -19.51 -8.72 -4.58
CA ASP A 365 -18.15 -8.57 -4.14
C ASP A 365 -17.19 -9.37 -5.00
N ILE A 366 -16.03 -8.77 -5.28
CA ILE A 366 -15.00 -9.41 -6.10
C ILE A 366 -13.68 -9.38 -5.35
N ILE A 367 -12.93 -10.47 -5.46
CA ILE A 367 -11.62 -10.56 -4.84
C ILE A 367 -10.63 -11.13 -5.84
N THR A 368 -9.57 -10.34 -6.11
CA THR A 368 -8.51 -10.72 -7.02
C THR A 368 -7.33 -11.22 -6.20
N SER A 369 -6.79 -12.40 -6.53
CA SER A 369 -5.64 -12.92 -5.81
C SER A 369 -4.36 -12.32 -6.45
N LEU A 370 -3.75 -11.34 -5.79
CA LEU A 370 -2.51 -10.77 -6.36
C LEU A 370 -1.37 -11.80 -6.18
N THR A 371 -1.48 -12.63 -5.15
CA THR A 371 -0.52 -13.68 -4.85
C THR A 371 -0.38 -14.64 -6.03
N SER A 372 -1.49 -14.87 -6.72
CA SER A 372 -1.50 -15.78 -7.86
C SER A 372 -0.69 -15.23 -9.03
N VAL A 373 -0.66 -13.91 -9.14
CA VAL A 373 0.06 -13.23 -10.20
C VAL A 373 1.53 -13.03 -9.79
N LEU A 374 1.73 -12.32 -8.67
CA LEU A 374 3.05 -12.04 -8.12
C LEU A 374 3.89 -13.27 -7.92
N HIS A 375 3.24 -14.38 -7.59
CA HIS A 375 3.98 -15.61 -7.38
C HIS A 375 3.75 -16.64 -8.48
N ASP A 376 3.33 -16.19 -9.66
CA ASP A 376 3.14 -17.11 -10.77
C ASP A 376 4.38 -18.01 -10.95
N GLU A 377 4.15 -19.32 -10.96
CA GLU A 377 5.22 -20.29 -11.09
C GLU A 377 6.02 -20.23 -12.40
N LYS A 378 5.39 -19.75 -13.49
CA LYS A 378 6.03 -19.65 -14.79
C LYS A 378 6.66 -18.30 -15.05
N ALA A 379 5.99 -17.23 -14.64
CA ALA A 379 6.49 -15.88 -14.86
C ALA A 379 7.69 -15.58 -13.97
N PHE A 380 7.81 -16.36 -12.88
CA PHE A 380 8.87 -16.21 -11.90
C PHE A 380 9.27 -17.58 -11.37
N PRO A 381 10.07 -18.35 -12.13
CA PRO A 381 10.50 -19.68 -11.69
C PRO A 381 11.00 -19.60 -10.24
N ASN A 382 10.48 -20.47 -9.38
CA ASN A 382 10.81 -20.47 -7.95
C ASN A 382 10.29 -19.17 -7.34
N PRO A 383 8.97 -18.93 -7.44
CA PRO A 383 8.35 -17.72 -6.92
C PRO A 383 8.38 -17.50 -5.42
N LYS A 384 8.72 -18.52 -4.65
CA LYS A 384 8.76 -18.42 -3.19
C LYS A 384 10.18 -18.19 -2.70
N VAL A 385 11.11 -18.16 -3.64
CA VAL A 385 12.51 -17.94 -3.36
C VAL A 385 12.87 -16.51 -3.75
N PHE A 386 13.44 -15.75 -2.81
CA PHE A 386 13.83 -14.39 -3.06
C PHE A 386 15.10 -14.35 -3.91
N ASP A 387 14.97 -13.76 -5.10
CA ASP A 387 16.04 -13.68 -6.08
C ASP A 387 15.90 -12.47 -6.99
N PRO A 388 16.83 -11.51 -6.89
CA PRO A 388 16.78 -10.31 -7.76
C PRO A 388 16.81 -10.68 -9.24
N GLY A 389 17.31 -11.87 -9.54
CA GLY A 389 17.41 -12.34 -10.91
C GLY A 389 16.10 -12.39 -11.66
N HIS A 390 14.98 -12.41 -10.94
CA HIS A 390 13.64 -12.45 -11.55
C HIS A 390 13.40 -11.25 -12.45
N PHE A 391 14.05 -10.13 -12.12
CA PHE A 391 13.92 -8.88 -12.87
C PHE A 391 15.24 -8.45 -13.53
N LEU A 392 16.03 -9.44 -13.96
CA LEU A 392 17.33 -9.19 -14.61
C LEU A 392 17.51 -10.17 -15.77
N ASP A 393 17.93 -9.67 -16.93
CA ASP A 393 18.18 -10.53 -18.08
C ASP A 393 19.58 -11.13 -17.98
N GLU A 394 20.04 -11.82 -19.04
CA GLU A 394 21.36 -12.43 -19.01
C GLU A 394 22.54 -11.45 -19.09
N SER A 395 22.25 -10.19 -19.40
CA SER A 395 23.28 -9.15 -19.50
C SER A 395 23.26 -8.25 -18.27
N GLY A 396 22.47 -8.62 -17.27
CA GLY A 396 22.38 -7.82 -16.05
C GLY A 396 21.52 -6.57 -16.22
N ASN A 397 20.67 -6.55 -17.22
CA ASN A 397 19.80 -5.41 -17.42
C ASN A 397 18.40 -5.62 -16.79
N PHE A 398 17.75 -4.53 -16.41
CA PHE A 398 16.43 -4.64 -15.82
C PHE A 398 15.48 -5.26 -16.81
N LYS A 399 14.65 -6.18 -16.32
CA LYS A 399 13.67 -6.87 -17.15
C LYS A 399 12.27 -6.79 -16.53
N LYS A 400 11.36 -6.10 -17.25
CA LYS A 400 9.96 -5.92 -16.86
C LYS A 400 9.14 -7.21 -16.89
N SER A 401 8.05 -7.23 -16.14
CA SER A 401 7.16 -8.38 -16.14
C SER A 401 5.74 -7.90 -16.04
N ASP A 402 4.89 -8.47 -16.90
CA ASP A 402 3.47 -8.16 -16.92
C ASP A 402 2.89 -8.59 -15.58
N TYR A 403 3.51 -9.58 -14.96
CA TYR A 403 3.07 -10.12 -13.68
C TYR A 403 3.44 -9.31 -12.43
N PHE A 404 4.20 -8.23 -12.60
CA PHE A 404 4.59 -7.39 -11.48
C PHE A 404 3.37 -6.51 -11.24
N MET A 405 2.52 -6.92 -10.31
CA MET A 405 1.29 -6.19 -10.04
C MET A 405 1.04 -5.93 -8.54
N PRO A 406 2.08 -5.55 -7.78
CA PRO A 406 1.91 -5.31 -6.33
C PRO A 406 1.06 -4.09 -6.03
N PHE A 407 0.80 -3.29 -7.05
CA PHE A 407 0.01 -2.08 -6.91
C PHE A 407 -1.36 -2.26 -7.57
N SER A 408 -1.68 -3.49 -7.95
CA SER A 408 -2.94 -3.83 -8.62
C SER A 408 -2.91 -3.31 -10.07
N ALA A 409 -4.06 -3.30 -10.75
CA ALA A 409 -4.17 -2.83 -12.13
C ALA A 409 -5.58 -2.37 -12.45
N GLY A 410 -5.71 -1.55 -13.48
CA GLY A 410 -7.02 -1.07 -13.87
C GLY A 410 -7.38 0.27 -13.28
N LYS A 411 -8.67 0.61 -13.38
CA LYS A 411 -9.21 1.87 -12.88
C LYS A 411 -8.98 2.13 -11.38
N ARG A 412 -8.80 1.08 -10.59
CA ARG A 412 -8.57 1.21 -9.14
C ARG A 412 -7.12 1.10 -8.68
N MET A 413 -6.21 0.84 -9.62
CA MET A 413 -4.79 0.70 -9.31
C MET A 413 -4.24 1.81 -8.41
N CYS A 414 -3.44 1.44 -7.40
CA CYS A 414 -2.86 2.42 -6.46
C CYS A 414 -2.56 3.77 -7.09
N VAL A 415 -2.95 4.82 -6.37
CA VAL A 415 -2.78 6.20 -6.78
C VAL A 415 -1.46 6.82 -6.32
N GLY A 416 -0.83 6.18 -5.33
CA GLY A 416 0.45 6.65 -4.79
C GLY A 416 1.61 5.78 -5.25
N GLU A 417 1.35 5.02 -6.31
CA GLU A 417 2.29 4.13 -6.93
C GLU A 417 3.65 4.79 -7.23
N GLY A 418 3.64 5.98 -7.85
CA GLY A 418 4.87 6.70 -8.15
C GLY A 418 5.57 7.20 -6.90
N LEU A 419 4.78 7.78 -5.99
CA LEU A 419 5.28 8.29 -4.73
C LEU A 419 5.82 7.16 -3.84
N ALA A 420 5.23 5.95 -3.93
CA ALA A 420 5.73 4.85 -3.12
C ALA A 420 7.05 4.34 -3.68
N ARG A 421 7.11 4.20 -5.00
CA ARG A 421 8.29 3.72 -5.68
C ARG A 421 9.46 4.68 -5.51
N MET A 422 9.18 5.98 -5.49
CA MET A 422 10.24 6.95 -5.30
C MET A 422 10.73 6.82 -3.86
N GLU A 423 9.81 6.52 -2.95
CA GLU A 423 10.17 6.37 -1.56
C GLU A 423 11.08 5.19 -1.31
N LEU A 424 10.78 4.07 -1.96
CA LEU A 424 11.57 2.87 -1.81
C LEU A 424 12.94 3.03 -2.44
N PHE A 425 13.01 3.78 -3.54
CA PHE A 425 14.30 3.93 -4.19
C PHE A 425 15.21 4.84 -3.37
N LEU A 426 14.74 6.05 -3.12
CA LEU A 426 15.51 7.01 -2.36
C LEU A 426 15.90 6.55 -0.97
N PHE A 427 14.95 5.98 -0.22
CA PHE A 427 15.22 5.50 1.14
C PHE A 427 16.19 4.32 1.19
N LEU A 428 15.97 3.32 0.37
CA LEU A 428 16.85 2.16 0.39
C LEU A 428 18.28 2.43 -0.14
N THR A 429 18.43 3.32 -1.13
CA THR A 429 19.77 3.63 -1.65
C THR A 429 20.47 4.49 -0.63
N SER A 430 19.75 5.45 -0.06
CA SER A 430 20.33 6.32 0.95
C SER A 430 20.78 5.56 2.20
N ILE A 431 20.05 4.51 2.59
CA ILE A 431 20.44 3.75 3.79
C ILE A 431 21.67 2.89 3.51
N LEU A 432 21.66 2.16 2.40
CA LEU A 432 22.79 1.33 2.05
C LEU A 432 23.99 2.14 1.55
N GLN A 433 23.85 3.45 1.51
CA GLN A 433 24.91 4.34 1.06
C GLN A 433 25.71 4.71 2.27
N ASN A 434 24.99 5.03 3.34
CA ASN A 434 25.61 5.44 4.57
C ASN A 434 25.74 4.39 5.69
N PHE A 435 25.19 3.20 5.49
CA PHE A 435 25.23 2.14 6.50
C PHE A 435 25.45 0.73 5.99
N LYS A 436 25.87 -0.13 6.92
CA LYS A 436 26.08 -1.55 6.69
C LYS A 436 25.11 -2.09 7.74
N LEU A 437 24.37 -3.14 7.38
CA LEU A 437 23.38 -3.70 8.29
C LEU A 437 23.92 -4.90 9.08
N GLN A 438 23.86 -4.80 10.40
CA GLN A 438 24.37 -5.89 11.24
C GLN A 438 23.27 -6.56 12.08
N SER A 439 23.11 -7.87 11.88
CA SER A 439 22.12 -8.64 12.63
C SER A 439 22.75 -9.40 13.81
N LEU A 440 22.01 -9.44 14.90
CA LEU A 440 22.42 -10.10 16.13
C LEU A 440 22.46 -11.62 15.90
N VAL A 441 21.58 -12.06 15.00
CA VAL A 441 21.41 -13.45 14.61
C VAL A 441 22.09 -13.72 13.26
N GLU A 442 22.38 -14.98 12.96
CA GLU A 442 22.98 -15.32 11.67
C GLU A 442 21.80 -15.49 10.70
N PRO A 443 22.03 -15.25 9.41
CA PRO A 443 21.00 -15.37 8.37
C PRO A 443 20.14 -16.64 8.33
N LYS A 444 20.73 -17.80 8.59
CA LYS A 444 19.96 -19.05 8.53
C LYS A 444 18.94 -19.20 9.68
N ASP A 445 19.10 -18.42 10.74
CA ASP A 445 18.21 -18.51 11.89
C ASP A 445 17.24 -17.33 11.98
N LEU A 446 17.19 -16.55 10.91
CA LEU A 446 16.32 -15.37 10.83
C LEU A 446 15.00 -15.74 10.13
N ASP A 447 13.88 -15.49 10.80
CA ASP A 447 12.58 -15.80 10.22
C ASP A 447 12.14 -14.64 9.36
N ILE A 448 11.74 -14.92 8.13
CA ILE A 448 11.27 -13.89 7.23
C ILE A 448 9.83 -14.19 6.78
N THR A 449 9.24 -15.23 7.36
CA THR A 449 7.88 -15.63 7.01
C THR A 449 6.84 -14.63 7.45
N ALA A 450 5.99 -14.24 6.50
CA ALA A 450 4.95 -13.26 6.77
C ALA A 450 3.73 -13.81 7.48
N VAL A 451 3.22 -13.00 8.39
CA VAL A 451 2.01 -13.31 9.15
C VAL A 451 0.99 -12.31 8.61
N VAL A 452 0.02 -12.83 7.86
CA VAL A 452 -1.00 -11.97 7.29
C VAL A 452 -2.01 -11.58 8.38
N ASN A 453 -1.79 -10.42 8.98
CA ASN A 453 -2.66 -9.91 10.03
C ASN A 453 -4.00 -9.60 9.40
N GLY A 454 -4.05 -8.44 8.74
CA GLY A 454 -5.26 -8.06 8.04
C GLY A 454 -5.04 -8.37 6.58
N PHE A 455 -5.37 -7.37 5.77
CA PHE A 455 -5.20 -7.42 4.33
C PHE A 455 -3.74 -7.13 3.97
N VAL A 456 -2.92 -6.84 4.98
CA VAL A 456 -1.51 -6.52 4.82
C VAL A 456 -0.57 -7.56 5.45
N SER A 457 0.33 -8.12 4.63
CA SER A 457 1.31 -9.10 5.13
C SER A 457 2.34 -8.36 5.97
N VAL A 458 2.47 -8.68 7.25
CA VAL A 458 3.48 -7.99 8.08
C VAL A 458 4.64 -8.91 8.42
N PRO A 459 5.88 -8.38 8.36
CA PRO A 459 7.11 -9.13 8.64
C PRO A 459 7.31 -9.38 10.14
N PRO A 460 7.98 -10.48 10.47
CA PRO A 460 8.23 -10.79 11.88
C PRO A 460 9.05 -9.69 12.53
N SER A 461 8.94 -9.56 13.83
CA SER A 461 9.69 -8.53 14.55
C SER A 461 11.19 -8.84 14.43
N TYR A 462 12.03 -7.81 14.54
CA TYR A 462 13.46 -8.04 14.43
C TYR A 462 14.25 -6.82 14.80
N GLN A 463 15.49 -7.03 15.21
CA GLN A 463 16.36 -5.91 15.55
C GLN A 463 17.61 -6.00 14.69
N LEU A 464 18.34 -4.90 14.59
CA LEU A 464 19.61 -4.86 13.86
C LEU A 464 20.36 -3.61 14.29
N CYS A 465 21.59 -3.47 13.82
CA CYS A 465 22.39 -2.29 14.12
C CYS A 465 22.76 -1.68 12.79
N PHE A 466 22.68 -0.35 12.72
CA PHE A 466 23.05 0.36 11.50
C PHE A 466 24.47 0.85 11.64
N ILE A 467 25.40 0.09 11.08
CA ILE A 467 26.81 0.43 11.17
C ILE A 467 27.26 1.48 10.14
N PRO A 468 27.50 2.72 10.59
CA PRO A 468 27.93 3.83 9.72
C PRO A 468 29.17 3.47 8.91
N ILE A 469 29.16 3.79 7.63
CA ILE A 469 30.32 3.50 6.78
C ILE A 469 30.88 4.71 6.05
N HIS A 470 32.18 4.96 6.27
CA HIS A 470 32.89 6.08 5.65
C HIS A 470 34.40 5.84 5.52
#